data_7OY7
#
_entry.id   7OY7
#
_cell.length_a   59.599
_cell.length_b   71.832
_cell.length_c   138.535
_cell.angle_alpha   90.000
_cell.angle_beta   90.000
_cell.angle_gamma   90.000
#
_symmetry.space_group_name_H-M   'C 2 2 21'
#
loop_
_entity.id
_entity.type
_entity.pdbx_description
1 polymer 'N-glycosylase/DNA lyase'
2 polymer "DNA (5'-D(*TP*TP*TP*(PED)P*TP*TP*TP*CP*T)-3')"
3 polymer "DNA (5'-D(*AP*GP*AP*AP*AP*CP*AP*AP*A)-3')"
4 non-polymer (4S)-2-METHYL-2,4-PENTANEDIOL
5 water water
#
loop_
_entity_poly.entity_id
_entity_poly.type
_entity_poly.pdbx_seq_one_letter_code
_entity_poly.pdbx_strand_id
1 'polypeptide(L)'
;GSHMIARIIGEIGIEGARFIEENIDEQFKALRYLSKGIDSETFVKLVIANSLVSYQLTGKGEQWWWEFAKYFYGRDVKSI
YLAYKEFLPNSRFNRRLIPQKLSRIRRVETFLSTLTEERIEEYYGDMSSLWGSIARALGVDKESKTVVFSVKMFGYAARI
VLSTFNPYPMEIPIPEDSRIVKLTKKLTNEKPRKFWMKIARESGVPPLHIDSILWPLLGGASIDSAPPELRDKLAELIKI
IR
;
A
2 'polydeoxyribonucleotide' (DT)(DT)(DT)(PED)(DT)(DT)(DT)(DC)(DT) B
3 'polydeoxyribonucleotide' (DA)(DG)(DA)(DA)(DA)(DC)(DA)(DA)(DA) I
#
# COMPACT_ATOMS: atom_id res chain seq x y z
N GLY A 1 7.68 6.26 -23.91
CA GLY A 1 8.94 6.73 -23.37
C GLY A 1 8.68 7.29 -21.99
N SER A 2 9.74 7.45 -21.19
CA SER A 2 9.56 7.99 -19.85
C SER A 2 8.93 9.38 -19.90
N HIS A 3 9.34 10.23 -20.87
CA HIS A 3 8.86 11.62 -20.80
C HIS A 3 7.34 11.70 -21.01
N MET A 4 6.81 10.99 -22.02
CA MET A 4 5.37 11.01 -22.22
C MET A 4 4.60 10.45 -21.02
N ILE A 5 5.06 9.34 -20.46
CA ILE A 5 4.37 8.79 -19.27
C ILE A 5 4.43 9.79 -18.11
N ALA A 6 5.58 10.42 -17.91
CA ALA A 6 5.67 11.37 -16.80
C ALA A 6 4.77 12.57 -17.04
N ARG A 7 4.65 13.03 -18.29
CA ARG A 7 3.80 14.18 -18.60
CA ARG A 7 3.80 14.18 -18.57
C ARG A 7 2.35 13.88 -18.23
N ILE A 8 1.84 12.75 -18.71
CA ILE A 8 0.47 12.38 -18.40
C ILE A 8 0.27 12.14 -16.89
N ILE A 9 1.20 11.45 -16.22
CA ILE A 9 1.05 11.22 -14.79
C ILE A 9 1.08 12.55 -14.04
N GLY A 10 1.89 13.50 -14.50
CA GLY A 10 1.91 14.84 -13.87
C GLY A 10 0.58 15.58 -14.02
N GLU A 11 -0.11 15.33 -15.14
CA GLU A 11 -1.40 15.97 -15.37
C GLU A 11 -2.46 15.30 -14.53
N ILE A 12 -2.33 13.98 -14.34
CA ILE A 12 -3.21 13.28 -13.42
C ILE A 12 -3.02 13.82 -12.01
N GLY A 13 -1.75 13.94 -11.60
CA GLY A 13 -1.38 14.62 -10.36
C GLY A 13 -1.62 13.76 -9.14
N ILE A 14 -1.06 14.23 -8.02
CA ILE A 14 -1.46 13.68 -6.73
C ILE A 14 -2.98 13.73 -6.56
N GLU A 15 -3.61 14.77 -7.07
CA GLU A 15 -5.08 14.87 -6.99
C GLU A 15 -5.75 13.68 -7.63
N GLY A 16 -5.33 13.32 -8.87
CA GLY A 16 -5.88 12.11 -9.54
C GLY A 16 -5.55 10.82 -8.80
N ALA A 17 -4.30 10.64 -8.37
CA ALA A 17 -3.98 9.48 -7.55
C ALA A 17 -4.89 9.40 -6.32
N ARG A 18 -5.05 10.52 -5.58
CA ARG A 18 -5.87 10.51 -4.39
C ARG A 18 -7.33 10.14 -4.69
N PHE A 19 -7.85 10.63 -5.80
CA PHE A 19 -9.19 10.26 -6.24
C PHE A 19 -9.32 8.75 -6.42
N ILE A 20 -8.35 8.14 -7.09
CA ILE A 20 -8.44 6.69 -7.29
C ILE A 20 -8.29 5.97 -5.93
N GLU A 21 -7.30 6.37 -5.13
CA GLU A 21 -7.13 5.77 -3.81
C GLU A 21 -8.43 5.81 -3.03
N GLU A 22 -9.11 6.96 -3.00
CA GLU A 22 -10.19 7.13 -2.05
C GLU A 22 -11.55 6.68 -2.59
N ASN A 23 -11.67 6.49 -3.91
CA ASN A 23 -12.95 6.16 -4.49
C ASN A 23 -12.98 4.79 -5.11
N ILE A 24 -11.86 4.32 -5.66
CA ILE A 24 -11.83 3.11 -6.49
C ILE A 24 -11.06 1.98 -5.81
N ASP A 25 -9.92 2.29 -5.19
CA ASP A 25 -9.04 1.28 -4.60
C ASP A 25 -9.78 0.42 -3.58
N GLU A 26 -9.82 -0.90 -3.85
CA GLU A 26 -10.55 -1.81 -2.96
C GLU A 26 -9.80 -2.05 -1.65
N GLN A 27 -8.46 -1.90 -1.62
CA GLN A 27 -7.80 -2.01 -0.31
C GLN A 27 -8.16 -0.83 0.61
N PHE A 28 -8.28 0.37 0.04
CA PHE A 28 -8.77 1.49 0.81
C PHE A 28 -10.21 1.29 1.31
N LYS A 29 -11.11 0.75 0.44
CA LYS A 29 -12.46 0.41 0.92
C LYS A 29 -12.40 -0.58 2.09
N ALA A 30 -11.57 -1.63 1.97
CA ALA A 30 -11.52 -2.60 3.05
C ALA A 30 -11.06 -1.95 4.36
N LEU A 31 -10.06 -1.06 4.25
CA LEU A 31 -9.52 -0.40 5.44
C LEU A 31 -10.55 0.53 6.06
N ARG A 32 -11.34 1.23 5.22
CA ARG A 32 -12.39 2.09 5.76
C ARG A 32 -13.42 1.30 6.55
N TYR A 33 -13.82 0.15 6.01
CA TYR A 33 -14.74 -0.72 6.75
C TYR A 33 -14.15 -1.11 8.11
N LEU A 34 -12.93 -1.62 8.14
CA LEU A 34 -12.38 -2.06 9.41
C LEU A 34 -12.17 -0.92 10.40
N SER A 35 -11.87 0.28 9.89
CA SER A 35 -11.60 1.44 10.75
C SER A 35 -12.82 1.77 11.60
N LYS A 36 -14.00 1.37 11.17
CA LYS A 36 -15.21 1.58 11.96
C LYS A 36 -15.47 0.48 12.98
N GLY A 37 -14.67 -0.58 13.03
CA GLY A 37 -14.98 -1.67 13.92
C GLY A 37 -13.91 -2.00 14.91
N ILE A 38 -12.90 -1.14 15.08
CA ILE A 38 -11.85 -1.45 16.02
C ILE A 38 -11.18 -0.12 16.32
N ASP A 39 -10.54 -0.03 17.50
CA ASP A 39 -9.94 1.27 17.83
C ASP A 39 -8.83 1.66 16.86
N SER A 40 -8.53 2.97 16.80
CA SER A 40 -7.65 3.42 15.72
C SER A 40 -6.23 2.93 15.88
N GLU A 41 -5.74 2.80 17.10
CA GLU A 41 -4.36 2.34 17.26
C GLU A 41 -4.22 0.89 16.82
N THR A 42 -5.13 0.04 17.30
CA THR A 42 -5.05 -1.36 16.89
C THR A 42 -5.21 -1.50 15.39
N PHE A 43 -6.13 -0.73 14.83
CA PHE A 43 -6.36 -0.67 13.39
C PHE A 43 -5.06 -0.46 12.62
N VAL A 44 -4.30 0.59 12.97
CA VAL A 44 -3.05 0.83 12.25
C VAL A 44 -2.05 -0.29 12.48
N LYS A 45 -1.92 -0.77 13.74
CA LYS A 45 -1.02 -1.89 14.02
C LYS A 45 -1.40 -3.07 13.16
N LEU A 46 -2.69 -3.37 13.07
CA LEU A 46 -3.07 -4.56 12.30
C LEU A 46 -2.78 -4.36 10.83
N VAL A 47 -2.95 -3.13 10.32
CA VAL A 47 -2.71 -2.87 8.89
C VAL A 47 -1.24 -3.12 8.54
N ILE A 48 -0.32 -2.67 9.40
CA ILE A 48 1.09 -2.90 9.15
C ILE A 48 1.41 -4.37 9.25
N ALA A 49 0.93 -5.04 10.31
CA ALA A 49 1.17 -6.48 10.46
C ALA A 49 0.65 -7.22 9.22
N ASN A 50 -0.55 -6.85 8.79
CA ASN A 50 -1.11 -7.51 7.60
C ASN A 50 -0.25 -7.32 6.34
N SER A 51 0.26 -6.10 6.10
CA SER A 51 1.12 -5.85 4.94
C SER A 51 2.33 -6.73 4.99
N LEU A 52 2.87 -6.96 6.17
CA LEU A 52 4.14 -7.66 6.28
C LEU A 52 3.99 -9.15 6.01
N VAL A 53 2.76 -9.68 6.04
CA VAL A 53 2.49 -11.05 5.60
C VAL A 53 1.77 -11.10 4.27
N SER A 54 1.65 -9.96 3.57
CA SER A 54 0.94 -9.90 2.28
C SER A 54 1.95 -10.10 1.14
N TYR A 55 2.47 -11.30 1.07
CA TYR A 55 3.33 -11.70 -0.05
C TYR A 55 3.06 -13.16 -0.30
N GLN A 56 3.25 -13.54 -1.55
CA GLN A 56 3.03 -14.90 -1.97
C GLN A 56 1.64 -15.38 -1.49
N LEU A 57 0.60 -14.65 -1.92
CA LEU A 57 -0.77 -14.91 -1.51
C LEU A 57 -1.39 -16.05 -2.31
N THR A 58 -2.43 -16.63 -1.73
CA THR A 58 -3.30 -17.58 -2.46
C THR A 58 -4.64 -16.92 -2.76
N GLY A 59 -4.60 -15.73 -3.30
CA GLY A 59 -5.79 -15.04 -3.73
C GLY A 59 -5.33 -13.69 -4.23
N LYS A 60 -6.28 -12.95 -4.83
CA LYS A 60 -5.91 -11.61 -5.28
C LYS A 60 -5.79 -10.70 -4.04
N GLY A 61 -5.02 -9.62 -4.18
CA GLY A 61 -4.88 -8.70 -3.07
C GLY A 61 -6.20 -8.17 -2.55
N GLU A 62 -7.12 -7.82 -3.45
CA GLU A 62 -8.37 -7.23 -2.98
C GLU A 62 -9.22 -8.26 -2.23
N GLN A 63 -9.16 -9.56 -2.63
CA GLN A 63 -9.85 -10.59 -1.84
C GLN A 63 -9.23 -10.73 -0.47
N TRP A 64 -7.89 -10.65 -0.40
CA TRP A 64 -7.18 -10.86 0.85
C TRP A 64 -7.44 -9.70 1.82
N TRP A 65 -7.42 -8.47 1.31
CA TRP A 65 -7.57 -7.38 2.28
C TRP A 65 -9.00 -7.30 2.76
N TRP A 66 -9.97 -7.67 1.91
CA TRP A 66 -11.34 -7.74 2.42
C TRP A 66 -11.50 -8.86 3.44
N GLU A 67 -10.82 -10.00 3.24
CA GLU A 67 -10.88 -11.08 4.23
C GLU A 67 -10.38 -10.59 5.58
N PHE A 68 -9.25 -9.91 5.57
CA PHE A 68 -8.66 -9.30 6.75
C PHE A 68 -9.64 -8.34 7.43
N ALA A 69 -10.20 -7.42 6.63
CA ALA A 69 -11.06 -6.38 7.21
C ALA A 69 -12.31 -6.99 7.87
N LYS A 70 -12.95 -7.92 7.18
CA LYS A 70 -14.13 -8.51 7.75
C LYS A 70 -13.81 -9.41 8.96
N TYR A 71 -12.63 -10.04 8.97
CA TYR A 71 -12.29 -10.93 10.08
C TYR A 71 -12.10 -10.12 11.36
N PHE A 72 -11.41 -8.98 11.22
CA PHE A 72 -11.07 -8.25 12.44
C PHE A 72 -12.12 -7.27 12.93
N TYR A 73 -13.15 -6.94 12.12
CA TYR A 73 -14.18 -6.01 12.60
C TYR A 73 -14.79 -6.51 13.93
N GLY A 74 -14.78 -5.64 14.95
CA GLY A 74 -15.42 -5.99 16.18
C GLY A 74 -14.62 -6.87 17.12
N ARG A 75 -13.44 -7.35 16.70
CA ARG A 75 -12.71 -8.31 17.50
C ARG A 75 -11.99 -7.59 18.62
N ASP A 76 -11.73 -8.34 19.67
CA ASP A 76 -10.94 -7.87 20.82
C ASP A 76 -9.52 -8.41 20.63
N VAL A 77 -8.62 -7.56 20.15
CA VAL A 77 -7.27 -7.95 19.81
C VAL A 77 -6.33 -7.45 20.90
N LYS A 78 -5.58 -8.37 21.53
CA LYS A 78 -4.45 -7.97 22.37
C LYS A 78 -3.14 -8.23 21.61
N SER A 79 -2.54 -9.39 21.80
CA SER A 79 -1.35 -9.68 21.02
C SER A 79 -1.66 -9.83 19.52
N ILE A 80 -1.01 -8.98 18.70
CA ILE A 80 -1.14 -9.08 17.25
C ILE A 80 -0.66 -10.45 16.79
N TYR A 81 0.44 -10.93 17.37
CA TYR A 81 0.96 -12.24 17.00
C TYR A 81 -0.06 -13.33 17.31
N LEU A 82 -0.67 -13.29 18.51
CA LEU A 82 -1.64 -14.35 18.84
C LEU A 82 -2.86 -14.28 17.93
N ALA A 83 -3.22 -13.06 17.53
CA ALA A 83 -4.37 -12.91 16.66
C ALA A 83 -4.10 -13.53 15.29
N TYR A 84 -2.89 -13.35 14.77
CA TYR A 84 -2.53 -13.88 13.45
C TYR A 84 -2.29 -15.36 13.52
N LYS A 85 -1.83 -15.87 14.68
CA LYS A 85 -1.68 -17.31 14.84
C LYS A 85 -3.03 -18.02 14.69
N GLU A 86 -4.11 -17.37 15.14
CA GLU A 86 -5.45 -17.92 14.92
C GLU A 86 -5.96 -17.62 13.51
N PHE A 87 -5.76 -16.38 13.03
CA PHE A 87 -6.34 -15.93 11.76
C PHE A 87 -5.70 -16.63 10.55
N LEU A 88 -4.39 -16.59 10.42
CA LEU A 88 -3.77 -16.95 9.14
C LEU A 88 -3.99 -18.41 8.76
N PRO A 89 -3.80 -19.40 9.65
CA PRO A 89 -3.96 -20.79 9.22
C PRO A 89 -5.35 -21.12 8.76
N ASN A 90 -6.35 -20.33 9.15
CA ASN A 90 -7.70 -20.62 8.68
C ASN A 90 -8.15 -19.71 7.54
N SER A 91 -7.29 -18.79 7.07
CA SER A 91 -7.69 -17.86 6.01
C SER A 91 -7.88 -18.66 4.72
N ARG A 92 -8.57 -18.06 3.77
CA ARG A 92 -8.71 -18.61 2.42
CA ARG A 92 -8.70 -18.61 2.42
C ARG A 92 -7.64 -18.08 1.47
N PHE A 93 -7.29 -16.79 1.62
CA PHE A 93 -6.50 -16.12 0.60
C PHE A 93 -5.05 -15.92 1.02
N ASN A 94 -4.60 -16.48 2.20
CA ASN A 94 -3.19 -16.37 2.54
C ASN A 94 -2.75 -17.66 3.25
N ARG A 95 -2.68 -18.76 2.48
CA ARG A 95 -2.40 -20.08 3.04
C ARG A 95 -0.95 -20.54 2.88
N ARG A 96 -0.09 -19.79 2.17
CA ARG A 96 1.27 -20.23 1.93
C ARG A 96 2.26 -19.55 2.88
N LEU A 97 3.31 -20.31 3.22
CA LEU A 97 4.46 -19.79 3.97
C LEU A 97 4.02 -19.23 5.31
N ILE A 98 3.04 -19.89 5.93
CA ILE A 98 2.46 -19.31 7.14
C ILE A 98 3.45 -19.30 8.32
N PRO A 99 4.20 -20.37 8.58
CA PRO A 99 5.13 -20.27 9.73
C PRO A 99 6.09 -19.12 9.59
N GLN A 100 6.64 -18.91 8.39
CA GLN A 100 7.54 -17.77 8.17
C GLN A 100 6.83 -16.45 8.41
N LYS A 101 5.59 -16.31 7.90
CA LYS A 101 4.84 -15.07 8.04
C LYS A 101 4.56 -14.75 9.51
N LEU A 102 4.15 -15.78 10.26
CA LEU A 102 3.87 -15.64 11.69
C LEU A 102 5.11 -15.20 12.43
N SER A 103 6.28 -15.72 12.07
CA SER A 103 7.50 -15.29 12.75
CA SER A 103 7.50 -15.29 12.74
C SER A 103 7.85 -13.83 12.45
N ARG A 104 7.45 -13.31 11.28
CA ARG A 104 7.68 -11.87 11.02
C ARG A 104 6.85 -11.04 11.97
N ILE A 105 5.60 -11.43 12.15
CA ILE A 105 4.75 -10.70 13.10
C ILE A 105 5.29 -10.80 14.51
N ARG A 106 5.78 -11.96 14.91
CA ARG A 106 6.36 -12.05 16.23
C ARG A 106 7.52 -11.08 16.37
N ARG A 107 8.32 -10.96 15.32
CA ARG A 107 9.50 -10.13 15.42
C ARG A 107 9.15 -8.62 15.45
N VAL A 108 8.03 -8.23 14.82
CA VAL A 108 7.67 -6.81 14.73
C VAL A 108 6.74 -6.34 15.85
N GLU A 109 6.31 -7.25 16.75
CA GLU A 109 5.31 -6.95 17.76
CA GLU A 109 5.29 -6.92 17.74
C GLU A 109 5.76 -5.79 18.65
N THR A 110 7.04 -5.81 19.06
CA THR A 110 7.55 -4.76 19.92
C THR A 110 7.50 -3.41 19.24
N PHE A 111 7.88 -3.36 17.95
CA PHE A 111 7.80 -2.09 17.25
C PHE A 111 6.35 -1.65 17.12
N LEU A 112 5.43 -2.61 16.81
CA LEU A 112 4.03 -2.19 16.71
C LEU A 112 3.51 -1.57 18.01
N SER A 113 4.02 -2.04 19.16
CA SER A 113 3.51 -1.56 20.44
C SER A 113 3.87 -0.10 20.69
N THR A 114 4.81 0.46 19.92
CA THR A 114 5.14 1.89 20.03
C THR A 114 4.10 2.79 19.35
N LEU A 115 3.14 2.21 18.62
CA LEU A 115 2.27 3.00 17.77
C LEU A 115 1.05 3.47 18.58
N THR A 116 1.32 4.46 19.45
CA THR A 116 0.26 5.20 20.11
C THR A 116 -0.36 6.12 19.05
N GLU A 117 -1.45 6.81 19.40
CA GLU A 117 -2.02 7.73 18.42
C GLU A 117 -1.04 8.82 18.04
N GLU A 118 -0.34 9.38 19.02
CA GLU A 118 0.62 10.43 18.76
C GLU A 118 1.78 9.94 17.93
N ARG A 119 2.27 8.72 18.19
CA ARG A 119 3.38 8.22 17.38
C ARG A 119 2.95 7.98 15.93
N ILE A 120 1.70 7.53 15.77
CA ILE A 120 1.11 7.41 14.46
C ILE A 120 1.06 8.76 13.78
N GLU A 121 0.62 9.80 14.46
CA GLU A 121 0.67 11.12 13.82
C GLU A 121 2.10 11.52 13.43
N GLU A 122 3.08 11.24 14.28
CA GLU A 122 4.44 11.63 13.95
C GLU A 122 4.93 10.90 12.72
N TYR A 123 4.65 9.59 12.62
CA TYR A 123 5.07 8.84 11.43
C TYR A 123 4.32 9.27 10.17
N TYR A 124 3.07 9.65 10.28
CA TYR A 124 2.37 10.09 9.08
C TYR A 124 2.94 11.42 8.55
N GLY A 125 3.43 12.25 9.46
CA GLY A 125 4.20 13.43 9.10
C GLY A 125 5.62 13.15 8.64
N ASP A 126 6.11 11.91 8.78
CA ASP A 126 7.49 11.63 8.40
C ASP A 126 7.55 10.15 8.01
N MET A 127 6.87 9.81 6.92
CA MET A 127 6.81 8.40 6.54
C MET A 127 8.16 7.81 6.17
N SER A 128 9.11 8.62 5.68
CA SER A 128 10.45 8.08 5.50
C SER A 128 11.00 7.49 6.81
N SER A 129 10.73 8.14 7.96
CA SER A 129 11.22 7.56 9.22
C SER A 129 10.56 6.20 9.49
N LEU A 130 9.26 6.13 9.26
CA LEU A 130 8.55 4.88 9.49
C LEU A 130 9.15 3.75 8.65
N TRP A 131 9.39 4.05 7.37
CA TRP A 131 9.97 3.12 6.39
C TRP A 131 11.26 2.51 6.91
N GLY A 132 12.21 3.38 7.31
CA GLY A 132 13.45 2.92 7.90
C GLY A 132 13.25 2.15 9.19
N SER A 133 12.28 2.57 10.02
CA SER A 133 12.08 1.96 11.34
C SER A 133 11.46 0.58 11.27
N ILE A 134 10.50 0.38 10.36
CA ILE A 134 9.94 -0.96 10.12
C ILE A 134 11.04 -1.91 9.68
N ALA A 135 11.84 -1.47 8.71
CA ALA A 135 12.94 -2.30 8.21
C ALA A 135 13.92 -2.62 9.32
N ARG A 136 14.26 -1.64 10.14
CA ARG A 136 15.20 -1.89 11.23
C ARG A 136 14.67 -2.95 12.21
N ALA A 137 13.37 -2.92 12.54
CA ALA A 137 12.80 -3.86 13.50
C ALA A 137 12.80 -5.28 12.95
N LEU A 138 12.60 -5.41 11.65
CA LEU A 138 12.65 -6.73 11.03
C LEU A 138 14.07 -7.18 10.66
N GLY A 139 15.05 -6.26 10.71
CA GLY A 139 16.41 -6.61 10.34
C GLY A 139 16.57 -6.76 8.83
N VAL A 140 15.79 -6.00 8.04
CA VAL A 140 15.79 -6.21 6.59
C VAL A 140 16.07 -4.90 5.84
N ASP A 141 16.19 -5.02 4.50
CA ASP A 141 16.37 -3.85 3.63
C ASP A 141 15.05 -3.11 3.46
N LYS A 142 15.04 -1.80 3.72
CA LYS A 142 13.79 -1.08 3.55
C LYS A 142 13.33 -1.04 2.09
N GLU A 143 14.21 -1.33 1.13
CA GLU A 143 13.83 -1.41 -0.27
C GLU A 143 12.90 -2.60 -0.55
N SER A 144 12.76 -3.51 0.39
CA SER A 144 12.02 -4.72 0.08
C SER A 144 10.51 -4.47 -0.08
N LYS A 145 9.87 -5.32 -0.91
CA LYS A 145 8.47 -5.12 -1.28
C LYS A 145 7.55 -4.94 -0.10
N THR A 146 7.58 -5.85 0.87
CA THR A 146 6.54 -5.76 1.91
C THR A 146 6.80 -4.61 2.86
N VAL A 147 8.04 -4.12 2.99
CA VAL A 147 8.27 -2.99 3.91
C VAL A 147 7.74 -1.72 3.27
N VAL A 148 8.04 -1.54 1.97
CA VAL A 148 7.48 -0.44 1.19
C VAL A 148 5.96 -0.47 1.26
N PHE A 149 5.36 -1.65 0.99
CA PHE A 149 3.91 -1.55 0.98
CA PHE A 149 3.89 -1.76 0.99
C PHE A 149 3.31 -1.46 2.37
N SER A 150 4.06 -1.83 3.43
CA SER A 150 3.50 -1.57 4.76
C SER A 150 3.45 -0.07 5.00
N VAL A 151 4.40 0.70 4.43
CA VAL A 151 4.29 2.17 4.55
C VAL A 151 3.12 2.67 3.75
N LYS A 152 2.91 2.13 2.54
CA LYS A 152 1.78 2.54 1.72
C LYS A 152 0.48 2.30 2.47
N MET A 153 0.32 1.08 3.02
CA MET A 153 -0.93 0.75 3.72
C MET A 153 -1.06 1.52 5.01
N PHE A 154 0.06 1.72 5.74
CA PHE A 154 0.00 2.62 6.88
C PHE A 154 -0.55 3.99 6.45
N GLY A 155 -0.13 4.46 5.28
CA GLY A 155 -0.58 5.77 4.84
C GLY A 155 -2.07 5.83 4.62
N TYR A 156 -2.65 4.76 4.06
CA TYR A 156 -4.10 4.74 3.93
C TYR A 156 -4.79 4.79 5.30
N ALA A 157 -4.32 3.96 6.24
CA ALA A 157 -4.95 3.81 7.55
C ALA A 157 -4.89 5.13 8.30
N ALA A 158 -3.70 5.77 8.24
CA ALA A 158 -3.52 7.04 8.95
C ALA A 158 -4.38 8.11 8.34
N ARG A 159 -4.50 8.11 7.02
CA ARG A 159 -5.33 9.13 6.39
C ARG A 159 -6.76 9.03 6.90
N ILE A 160 -7.25 7.79 7.03
CA ILE A 160 -8.61 7.58 7.49
C ILE A 160 -8.78 8.03 8.94
N VAL A 161 -7.89 7.59 9.83
CA VAL A 161 -8.18 7.83 11.24
C VAL A 161 -7.76 9.24 11.68
N LEU A 162 -6.80 9.87 10.97
CA LEU A 162 -6.37 11.24 11.31
C LEU A 162 -7.12 12.29 10.53
N SER A 163 -7.92 11.86 9.54
CA SER A 163 -8.70 12.78 8.71
CA SER A 163 -8.69 12.75 8.67
C SER A 163 -7.85 13.92 8.17
N THR A 164 -6.66 13.61 7.68
CA THR A 164 -5.84 14.62 7.02
C THR A 164 -4.96 13.89 6.05
N PHE A 165 -4.37 14.64 5.10
CA PHE A 165 -3.64 14.04 3.99
C PHE A 165 -2.22 14.54 3.96
N ASN A 166 -1.26 13.62 3.99
CA ASN A 166 0.13 13.93 3.62
C ASN A 166 0.48 13.03 2.45
N PRO A 167 1.09 13.57 1.40
CA PRO A 167 1.54 12.72 0.29
C PRO A 167 2.64 11.77 0.72
N TYR A 168 2.75 10.64 0.03
CA TYR A 168 3.88 9.75 0.26
C TYR A 168 5.18 10.48 -0.09
N PRO A 169 6.27 10.17 0.61
CA PRO A 169 7.57 10.72 0.25
C PRO A 169 7.99 10.32 -1.17
N MET A 170 8.66 11.26 -1.85
CA MET A 170 9.16 11.02 -3.21
C MET A 170 10.22 9.93 -3.20
N GLU A 171 10.96 9.79 -2.10
CA GLU A 171 12.07 8.85 -2.02
CA GLU A 171 12.06 8.84 -2.03
C GLU A 171 11.64 7.40 -1.79
N ILE A 172 10.38 7.11 -1.44
CA ILE A 172 9.98 5.69 -1.28
C ILE A 172 9.56 5.12 -2.65
N PRO A 173 10.23 4.10 -3.16
CA PRO A 173 10.08 3.74 -4.56
C PRO A 173 8.90 2.80 -4.74
N ILE A 174 8.53 2.58 -6.02
CA ILE A 174 7.83 1.34 -6.36
C ILE A 174 8.93 0.27 -6.36
N PRO A 175 8.80 -0.73 -5.52
CA PRO A 175 9.81 -1.80 -5.41
C PRO A 175 9.60 -2.91 -6.43
N GLU A 176 10.66 -3.67 -6.64
CA GLU A 176 10.54 -4.72 -7.64
C GLU A 176 9.62 -5.81 -7.10
N ASP A 177 8.78 -6.34 -8.00
CA ASP A 177 8.11 -7.62 -7.77
C ASP A 177 7.70 -8.08 -9.16
N SER A 178 7.12 -9.28 -9.25
CA SER A 178 6.91 -9.83 -10.59
C SER A 178 5.96 -8.98 -11.42
N ARG A 179 4.97 -8.37 -10.80
CA ARG A 179 4.03 -7.68 -11.65
C ARG A 179 4.54 -6.35 -12.17
N ILE A 180 5.32 -5.60 -11.38
CA ILE A 180 5.90 -4.36 -11.90
C ILE A 180 7.03 -4.67 -12.88
N VAL A 181 7.70 -5.82 -12.70
CA VAL A 181 8.70 -6.20 -13.69
C VAL A 181 8.03 -6.47 -15.04
N LYS A 182 6.91 -7.21 -15.02
CA LYS A 182 6.18 -7.52 -16.24
C LYS A 182 5.61 -6.28 -16.92
N LEU A 183 5.00 -5.37 -16.15
CA LEU A 183 4.46 -4.17 -16.77
C LEU A 183 5.60 -3.33 -17.35
N THR A 184 6.69 -3.19 -16.59
CA THR A 184 7.72 -2.27 -17.02
C THR A 184 8.39 -2.75 -18.29
N LYS A 185 8.58 -4.07 -18.41
CA LYS A 185 9.16 -4.69 -19.61
C LYS A 185 8.37 -4.32 -20.85
N LYS A 186 7.06 -4.13 -20.72
CA LYS A 186 6.28 -3.76 -21.89
C LYS A 186 6.67 -2.39 -22.39
N LEU A 187 7.13 -1.53 -21.47
CA LEU A 187 7.30 -0.11 -21.76
C LEU A 187 8.75 0.26 -22.09
N THR A 188 9.71 -0.52 -21.59
CA THR A 188 11.09 -0.07 -21.61
C THR A 188 11.98 -1.25 -21.27
N ASN A 189 13.25 -1.16 -21.62
CA ASN A 189 14.18 -2.14 -21.07
C ASN A 189 14.86 -1.68 -19.76
N GLU A 190 14.63 -0.42 -19.34
CA GLU A 190 15.17 0.06 -18.07
C GLU A 190 14.65 -0.76 -16.90
N LYS A 191 15.45 -0.88 -15.84
CA LYS A 191 14.98 -1.60 -14.64
C LYS A 191 13.87 -0.80 -13.97
N PRO A 192 12.85 -1.47 -13.39
CA PRO A 192 11.70 -0.71 -12.86
C PRO A 192 12.04 0.31 -11.77
N ARG A 193 12.92 0.00 -10.83
CA ARG A 193 13.06 0.96 -9.72
C ARG A 193 13.52 2.30 -10.24
N LYS A 194 14.55 2.27 -11.10
CA LYS A 194 15.11 3.46 -11.71
C LYS A 194 14.11 4.12 -12.65
N PHE A 195 13.39 3.32 -13.45
CA PHE A 195 12.42 3.87 -14.40
C PHE A 195 11.32 4.65 -13.70
N TRP A 196 10.68 4.03 -12.70
CA TRP A 196 9.55 4.66 -12.04
C TRP A 196 10.00 5.77 -11.10
N MET A 197 11.24 5.72 -10.57
CA MET A 197 11.67 6.85 -9.74
C MET A 197 11.92 8.08 -10.63
N LYS A 198 12.50 7.87 -11.81
CA LYS A 198 12.66 8.97 -12.77
C LYS A 198 11.32 9.57 -13.15
N ILE A 199 10.31 8.72 -13.43
CA ILE A 199 9.00 9.23 -13.79
C ILE A 199 8.33 9.96 -12.65
N ALA A 200 8.49 9.45 -11.43
CA ALA A 200 7.95 10.10 -10.24
C ALA A 200 8.54 11.50 -10.10
N ARG A 201 9.87 11.57 -10.14
CA ARG A 201 10.51 12.86 -9.98
C ARG A 201 10.14 13.84 -11.10
N GLU A 202 10.05 13.35 -12.36
CA GLU A 202 9.73 14.27 -13.46
C GLU A 202 8.29 14.75 -13.38
N SER A 203 7.37 13.86 -13.03
CA SER A 203 5.96 14.18 -12.95
C SER A 203 5.57 14.95 -11.69
N GLY A 204 6.38 14.86 -10.61
CA GLY A 204 5.91 15.40 -9.34
C GLY A 204 4.98 14.51 -8.54
N VAL A 205 4.69 13.29 -8.99
CA VAL A 205 3.82 12.36 -8.29
C VAL A 205 4.67 11.29 -7.62
N PRO A 206 4.69 11.21 -6.30
CA PRO A 206 5.54 10.24 -5.64
C PRO A 206 5.26 8.84 -6.13
N PRO A 207 6.24 7.95 -6.04
CA PRO A 207 6.08 6.58 -6.61
C PRO A 207 4.92 5.83 -6.03
N LEU A 208 4.67 5.94 -4.72
CA LEU A 208 3.58 5.12 -4.15
C LEU A 208 2.23 5.63 -4.64
N HIS A 209 2.07 6.92 -4.93
CA HIS A 209 0.85 7.42 -5.57
C HIS A 209 0.72 6.92 -7.00
N ILE A 210 1.84 6.81 -7.71
CA ILE A 210 1.81 6.21 -9.05
C ILE A 210 1.32 4.77 -8.95
N ASP A 211 1.81 4.04 -7.94
CA ASP A 211 1.33 2.68 -7.72
C ASP A 211 -0.18 2.62 -7.59
N SER A 212 -0.78 3.59 -6.88
CA SER A 212 -2.26 3.61 -6.74
C SER A 212 -2.99 3.68 -8.10
N ILE A 213 -2.40 4.39 -9.06
CA ILE A 213 -3.02 4.62 -10.36
C ILE A 213 -2.86 3.42 -11.25
N LEU A 214 -1.68 2.81 -11.22
CA LEU A 214 -1.39 1.78 -12.23
C LEU A 214 -2.38 0.62 -12.18
N TRP A 215 -2.59 0.01 -10.99
CA TRP A 215 -3.19 -1.34 -10.99
C TRP A 215 -4.70 -1.34 -11.24
N PRO A 216 -5.46 -0.40 -10.69
CA PRO A 216 -6.88 -0.34 -11.10
C PRO A 216 -7.02 -0.10 -12.59
N LEU A 217 -6.19 0.79 -13.18
CA LEU A 217 -6.34 1.06 -14.60
C LEU A 217 -6.01 -0.20 -15.40
N LEU A 218 -4.89 -0.87 -15.06
CA LEU A 218 -4.59 -2.14 -15.75
C LEU A 218 -5.65 -3.19 -15.48
N GLY A 219 -6.21 -3.23 -14.30
CA GLY A 219 -7.20 -4.26 -14.11
C GLY A 219 -8.59 -3.94 -14.61
N GLY A 220 -8.76 -2.90 -15.42
CA GLY A 220 -10.08 -2.62 -15.97
C GLY A 220 -11.05 -1.90 -15.07
N ALA A 221 -10.60 -1.28 -13.96
CA ALA A 221 -11.54 -0.52 -13.13
C ALA A 221 -12.12 0.59 -13.99
N SER A 222 -13.39 0.93 -13.80
CA SER A 222 -13.95 2.00 -14.60
C SER A 222 -13.38 3.35 -14.16
N ILE A 223 -13.02 4.22 -15.13
CA ILE A 223 -12.62 5.60 -14.84
C ILE A 223 -13.76 6.58 -15.09
N ASP A 224 -14.96 6.08 -15.37
CA ASP A 224 -16.05 6.94 -15.80
C ASP A 224 -16.52 7.93 -14.72
N SER A 225 -16.34 7.61 -13.44
CA SER A 225 -16.75 8.53 -12.38
C SER A 225 -15.82 9.73 -12.27
N ALA A 226 -14.64 9.68 -12.84
CA ALA A 226 -13.77 10.84 -12.75
C ALA A 226 -14.37 12.00 -13.51
N PRO A 227 -14.16 13.23 -13.07
CA PRO A 227 -14.71 14.36 -13.84
C PRO A 227 -14.04 14.46 -15.20
N PRO A 228 -14.62 15.19 -16.15
CA PRO A 228 -14.18 15.06 -17.58
C PRO A 228 -12.71 15.26 -17.83
N GLU A 229 -12.08 16.30 -17.26
CA GLU A 229 -10.68 16.52 -17.54
C GLU A 229 -9.83 15.39 -16.99
N LEU A 230 -10.06 15.00 -15.74
CA LEU A 230 -9.25 13.91 -15.18
C LEU A 230 -9.51 12.63 -15.94
N ARG A 231 -10.76 12.39 -16.24
CA ARG A 231 -11.13 11.19 -17.00
C ARG A 231 -10.29 11.07 -18.27
N ASP A 232 -10.12 12.19 -19.00
CA ASP A 232 -9.35 12.20 -20.24
C ASP A 232 -7.91 11.79 -19.97
N LYS A 233 -7.30 12.33 -18.89
CA LYS A 233 -5.90 12.00 -18.60
C LYS A 233 -5.74 10.56 -18.15
N LEU A 234 -6.70 10.03 -17.40
CA LEU A 234 -6.71 8.61 -17.06
C LEU A 234 -6.79 7.75 -18.30
N ALA A 235 -7.71 8.10 -19.20
CA ALA A 235 -7.84 7.39 -20.45
C ALA A 235 -6.55 7.43 -21.26
N GLU A 236 -5.82 8.57 -21.21
CA GLU A 236 -4.55 8.66 -21.89
C GLU A 236 -3.50 7.75 -21.26
N LEU A 237 -3.52 7.60 -19.92
CA LEU A 237 -2.57 6.66 -19.31
C LEU A 237 -2.93 5.23 -19.63
N ILE A 238 -4.22 4.88 -19.64
CA ILE A 238 -4.58 3.52 -20.04
C ILE A 238 -4.01 3.20 -21.45
N LYS A 239 -4.04 4.17 -22.37
CA LYS A 239 -3.50 3.90 -23.71
C LYS A 239 -2.01 3.57 -23.67
N ILE A 240 -1.29 4.08 -22.66
CA ILE A 240 0.15 3.84 -22.59
C ILE A 240 0.48 2.51 -21.87
N ILE A 241 -0.30 2.08 -20.88
CA ILE A 241 0.14 0.99 -20.01
C ILE A 241 -0.63 -0.28 -20.25
N ARG A 242 -1.78 -0.23 -20.91
CA ARG A 242 -2.59 -1.48 -21.01
C ARG A 242 -2.38 -2.20 -22.32
#